data_5OBE
#
_entry.id   5OBE
#
_cell.length_a   100.651
_cell.length_b   32.983
_cell.length_c   73.046
_cell.angle_alpha   90.00
_cell.angle_beta   90.21
_cell.angle_gamma   90.00
#
_symmetry.space_group_name_H-M   'C 1 2 1'
#
loop_
_entity.id
_entity.type
_entity.pdbx_description
1 polymer 'Ribonuclease pancreatic'
2 non-polymer pentakis(oxidaniumyl)-(oxidaniumylidynemethyl)ruthenium
3 non-polymer 'PHOSPHATE ION'
4 non-polymer tris(oxidaniumylidynemethyl)-tris(oxidanyl)ruthenium
5 water water
#
_entity_poly.entity_id   1
_entity_poly.type   'polypeptide(L)'
_entity_poly.pdbx_seq_one_letter_code
;KETAAAKFERQHMDSSTSAASSSNYCNQMMKSRNLTKDRCKPVNTFVHESLADVQAVCSQKNVACKNGQTNCYQSYSTMS
ITDCRETGSSKYPNCAYKTTQANKHIIVACEGNPYVPVHFDASV
;
_entity_poly.pdbx_strand_id   A,B
#
# COMPACT_ATOMS: atom_id res chain seq x y z
N LYS A 1 1.59 -10.66 -26.28
CA LYS A 1 0.38 -10.26 -25.49
C LYS A 1 0.69 -9.02 -24.63
N GLU A 2 -0.33 -8.22 -24.29
CA GLU A 2 -0.16 -7.14 -23.28
C GLU A 2 -0.11 -7.84 -21.92
N THR A 3 0.89 -7.50 -21.11
CA THR A 3 0.95 -8.04 -19.73
C THR A 3 -0.19 -7.50 -18.84
N ALA A 4 -0.50 -8.33 -17.86
CA ALA A 4 -1.50 -8.00 -16.82
C ALA A 4 -1.17 -6.65 -16.12
N ALA A 5 0.10 -6.44 -15.81
CA ALA A 5 0.56 -5.21 -15.20
C ALA A 5 0.35 -3.97 -16.14
N ALA A 6 0.73 -4.11 -17.41
CA ALA A 6 0.51 -3.06 -18.39
C ALA A 6 -0.95 -2.81 -18.61
N LYS A 7 -1.74 -3.85 -18.61
CA LYS A 7 -3.18 -3.67 -18.80
C LYS A 7 -3.78 -2.87 -17.67
N PHE A 8 -3.35 -3.15 -16.41
CA PHE A 8 -3.83 -2.36 -15.26
C PHE A 8 -3.45 -0.90 -15.41
N GLU A 9 -2.21 -0.63 -15.83
CA GLU A 9 -1.78 0.78 -16.08
C GLU A 9 -2.64 1.50 -17.12
N ARG A 10 -2.95 0.80 -18.20
CA ARG A 10 -3.81 1.34 -19.29
C ARG A 10 -5.24 1.59 -18.82
N GLN A 11 -5.80 0.62 -18.15
CA GLN A 11 -7.18 0.75 -17.66
C GLN A 11 -7.35 1.67 -16.45
N HIS A 12 -6.34 1.81 -15.59
CA HIS A 12 -6.56 2.43 -14.28
C HIS A 12 -5.63 3.53 -13.79
N MET A 13 -4.54 3.82 -14.50
CA MET A 13 -3.64 4.86 -14.06
C MET A 13 -3.80 6.11 -14.93
N ASP A 14 -3.97 7.23 -14.27
CA ASP A 14 -3.80 8.52 -14.91
C ASP A 14 -3.16 9.52 -13.96
N SER A 15 -1.85 9.39 -13.85
CA SER A 15 -1.07 10.26 -12.97
C SER A 15 -0.86 11.65 -13.60
N SER A 16 -1.14 11.80 -14.90
CA SER A 16 -0.93 13.09 -15.59
C SER A 16 -1.83 14.28 -15.13
N THR A 17 -3.02 13.95 -14.62
CA THR A 17 -4.03 14.93 -14.19
C THR A 17 -4.19 14.65 -12.71
N SER A 18 -4.27 15.69 -11.88
CA SER A 18 -4.29 15.53 -10.41
C SER A 18 -5.71 15.22 -9.87
N ALA A 19 -6.72 15.54 -10.68
CA ALA A 19 -8.13 15.22 -10.41
C ALA A 19 -8.89 15.14 -11.73
N ALA A 20 -10.02 14.42 -11.71
CA ALA A 20 -10.98 14.37 -12.81
C ALA A 20 -10.85 15.67 -13.50
N SER A 21 -10.29 15.62 -14.71
CA SER A 21 -10.27 16.81 -15.54
C SER A 21 -11.74 17.24 -15.70
N SER A 22 -12.19 17.56 -16.91
CA SER A 22 -13.52 18.17 -17.10
C SER A 22 -14.71 17.22 -16.85
N SER A 23 -15.90 17.78 -17.04
CA SER A 23 -17.13 17.01 -17.29
C SER A 23 -17.01 16.01 -18.46
N ASN A 24 -16.12 16.24 -19.41
CA ASN A 24 -15.92 15.28 -20.51
C ASN A 24 -14.81 14.24 -20.29
N TYR A 25 -14.19 14.23 -19.09
CA TYR A 25 -12.99 13.40 -18.83
C TYR A 25 -13.24 11.92 -19.11
N CYS A 26 -14.29 11.34 -18.54
CA CYS A 26 -14.60 9.93 -18.75
C CYS A 26 -14.91 9.64 -20.23
N ASN A 27 -15.69 10.48 -20.89
CA ASN A 27 -15.96 10.25 -22.29
C ASN A 27 -14.68 10.15 -23.13
N GLN A 28 -13.69 11.01 -22.89
CA GLN A 28 -12.44 10.98 -23.65
C GLN A 28 -11.54 9.78 -23.25
N MET A 29 -11.45 9.57 -21.95
CA MET A 29 -10.52 8.61 -21.35
C MET A 29 -10.94 7.14 -21.53
N MET A 30 -12.22 6.86 -21.39
CA MET A 30 -12.72 5.51 -21.67
C MET A 30 -12.46 5.13 -23.13
N LYS A 31 -12.55 6.12 -24.03
N LYS A 31 -12.55 6.13 -24.03
CA LYS A 31 -12.26 5.90 -25.44
CA LYS A 31 -12.27 5.92 -25.43
C LYS A 31 -10.76 5.78 -25.73
C LYS A 31 -10.77 5.79 -25.73
N SER A 32 -9.99 6.76 -25.28
CA SER A 32 -8.53 6.77 -25.55
C SER A 32 -7.77 5.58 -24.95
N ARG A 33 -8.30 5.03 -23.84
CA ARG A 33 -7.71 3.86 -23.16
C ARG A 33 -8.25 2.53 -23.64
N ASN A 34 -9.07 2.56 -24.69
CA ASN A 34 -9.67 1.42 -25.26
C ASN A 34 -10.63 0.61 -24.47
N LEU A 35 -11.40 1.29 -23.64
CA LEU A 35 -12.41 0.64 -22.80
C LEU A 35 -13.82 0.71 -23.44
N THR A 36 -13.87 1.25 -24.67
CA THR A 36 -15.07 1.29 -25.48
C THR A 36 -14.93 0.55 -26.85
N LYS A 37 -13.87 -0.23 -27.04
CA LYS A 37 -13.60 -0.81 -28.36
C LYS A 37 -14.64 -1.88 -28.73
N ASP A 38 -14.86 -2.83 -27.82
CA ASP A 38 -15.76 -3.95 -28.07
C ASP A 38 -17.16 -3.71 -27.52
N ARG A 39 -17.26 -3.20 -26.29
CA ARG A 39 -18.54 -2.82 -25.68
C ARG A 39 -18.28 -1.46 -24.96
N CYS A 40 -19.31 -0.85 -24.38
CA CYS A 40 -19.08 0.24 -23.42
C CYS A 40 -18.81 -0.45 -22.06
N LYS A 41 -17.56 -0.48 -21.60
CA LYS A 41 -17.31 -1.01 -20.25
C LYS A 41 -18.15 -0.18 -19.32
N PRO A 42 -19.03 -0.79 -18.52
CA PRO A 42 -20.01 0.03 -17.76
C PRO A 42 -19.47 0.91 -16.66
N VAL A 43 -18.48 0.42 -15.90
CA VAL A 43 -17.81 1.23 -14.85
C VAL A 43 -16.31 1.04 -14.84
N ASN A 44 -15.59 2.13 -14.56
CA ASN A 44 -14.12 2.11 -14.54
C ASN A 44 -13.53 3.26 -13.75
N THR A 45 -12.52 2.97 -12.93
CA THR A 45 -11.89 3.97 -12.08
C THR A 45 -10.46 4.26 -12.56
N PHE A 46 -10.13 5.55 -12.65
CA PHE A 46 -8.76 6.09 -12.89
C PHE A 46 -8.15 6.68 -11.60
N VAL A 47 -6.87 6.39 -11.37
CA VAL A 47 -6.19 6.82 -10.16
C VAL A 47 -5.15 7.88 -10.53
N HIS A 48 -5.22 9.02 -9.81
CA HIS A 48 -4.35 10.18 -10.07
C HIS A 48 -3.25 10.27 -9.02
N GLU A 49 -2.37 9.28 -9.03
CA GLU A 49 -1.27 9.17 -8.10
C GLU A 49 -0.14 8.57 -8.92
N SER A 50 1.07 8.74 -8.43
CA SER A 50 2.24 8.22 -9.10
C SER A 50 2.09 6.69 -9.25
N LEU A 51 2.67 6.14 -10.31
CA LEU A 51 2.78 4.71 -10.45
C LEU A 51 3.38 4.03 -9.20
N ALA A 52 4.49 4.57 -8.67
CA ALA A 52 5.11 4.04 -7.47
C ALA A 52 4.16 3.99 -6.30
N ASP A 53 3.36 5.05 -6.11
CA ASP A 53 2.46 5.11 -4.95
C ASP A 53 1.36 4.03 -5.06
N VAL A 54 0.85 3.80 -6.28
CA VAL A 54 -0.13 2.79 -6.52
C VAL A 54 0.49 1.36 -6.41
N GLN A 55 1.67 1.16 -7.00
CA GLN A 55 2.35 -0.12 -6.90
C GLN A 55 2.60 -0.51 -5.40
N ALA A 56 2.87 0.49 -4.55
CA ALA A 56 3.15 0.29 -3.14
C ALA A 56 1.99 -0.25 -2.35
N VAL A 57 0.78 -0.12 -2.90
CA VAL A 57 -0.44 -0.56 -2.21
C VAL A 57 -0.34 -2.07 -2.07
N CYS A 58 0.44 -2.73 -2.93
CA CYS A 58 0.58 -4.19 -2.86
C CYS A 58 1.28 -4.69 -1.62
N SER A 59 1.88 -3.78 -0.82
CA SER A 59 2.48 -4.13 0.48
C SER A 59 1.78 -3.46 1.64
N GLN A 60 0.56 -2.99 1.42
CA GLN A 60 -0.21 -2.27 2.41
C GLN A 60 -1.24 -3.22 2.97
N LYS A 61 -2.47 -2.78 3.18
CA LYS A 61 -3.38 -3.55 4.06
C LYS A 61 -4.02 -4.72 3.33
N ASN A 62 -3.71 -5.95 3.73
CA ASN A 62 -4.28 -7.14 3.05
C ASN A 62 -5.75 -7.36 3.43
N VAL A 63 -6.58 -7.42 2.39
CA VAL A 63 -8.04 -7.55 2.53
C VAL A 63 -8.56 -8.56 1.50
N ALA A 64 -9.70 -9.17 1.82
CA ALA A 64 -10.38 -10.07 0.89
C ALA A 64 -10.81 -9.31 -0.38
N CYS A 65 -10.48 -9.90 -1.53
CA CYS A 65 -11.00 -9.47 -2.83
C CYS A 65 -12.50 -9.81 -2.87
N LYS A 66 -13.25 -9.06 -3.68
CA LYS A 66 -14.68 -9.33 -3.95
C LYS A 66 -15.00 -10.76 -4.43
N ASN A 67 -14.08 -11.39 -5.14
CA ASN A 67 -14.22 -12.80 -5.56
C ASN A 67 -13.79 -13.88 -4.56
N GLY A 68 -13.41 -13.49 -3.34
CA GLY A 68 -12.96 -14.40 -2.32
C GLY A 68 -11.50 -14.77 -2.26
N GLN A 69 -10.74 -14.35 -3.26
CA GLN A 69 -9.32 -14.53 -3.24
C GLN A 69 -8.73 -13.62 -2.15
N THR A 70 -7.54 -13.96 -1.70
CA THR A 70 -6.90 -13.25 -0.58
C THR A 70 -5.81 -12.24 -1.01
N ASN A 71 -5.69 -11.96 -2.31
CA ASN A 71 -4.56 -11.17 -2.83
C ASN A 71 -4.97 -9.72 -3.13
N CYS A 72 -5.87 -9.16 -2.35
CA CYS A 72 -6.21 -7.73 -2.45
C CYS A 72 -5.66 -6.90 -1.28
N TYR A 73 -5.42 -5.59 -1.56
CA TYR A 73 -4.72 -4.69 -0.72
C TYR A 73 -5.37 -3.32 -0.81
N GLN A 74 -5.66 -2.79 0.38
CA GLN A 74 -6.27 -1.47 0.55
C GLN A 74 -5.21 -0.40 0.93
N SER A 75 -5.30 0.77 0.31
CA SER A 75 -4.29 1.81 0.51
C SER A 75 -4.48 2.40 1.89
N TYR A 76 -3.41 2.61 2.62
CA TYR A 76 -3.53 3.24 3.95
C TYR A 76 -3.97 4.70 3.84
N SER A 77 -3.48 5.39 2.83
CA SER A 77 -3.93 6.74 2.53
C SER A 77 -5.05 6.75 1.53
N THR A 78 -5.72 7.89 1.46
CA THR A 78 -6.72 8.10 0.43
C THR A 78 -5.93 8.58 -0.78
N MET A 79 -6.53 8.35 -1.96
CA MET A 79 -5.94 8.67 -3.27
C MET A 79 -6.95 9.42 -4.08
N SER A 80 -6.45 10.32 -4.92
CA SER A 80 -7.29 11.00 -5.89
C SER A 80 -7.71 10.02 -7.03
N ILE A 81 -9.02 9.81 -7.19
CA ILE A 81 -9.53 8.96 -8.24
C ILE A 81 -10.65 9.66 -9.01
N THR A 82 -10.89 9.16 -10.23
CA THR A 82 -12.14 9.43 -10.95
C THR A 82 -12.89 8.13 -11.32
N ASP A 83 -14.16 8.03 -10.92
CA ASP A 83 -15.04 6.95 -11.31
C ASP A 83 -15.76 7.37 -12.59
N CYS A 84 -15.83 6.42 -13.52
CA CYS A 84 -16.57 6.59 -14.76
C CYS A 84 -17.69 5.58 -14.76
N ARG A 85 -18.93 6.08 -14.96
N ARG A 85 -18.95 6.05 -14.87
CA ARG A 85 -20.14 5.28 -14.90
CA ARG A 85 -20.13 5.17 -14.91
C ARG A 85 -20.94 5.58 -16.18
C ARG A 85 -20.95 5.54 -16.14
N GLU A 86 -21.44 4.51 -16.82
CA GLU A 86 -22.17 4.67 -18.08
C GLU A 86 -23.54 5.29 -17.84
N THR A 87 -23.87 6.33 -18.61
CA THR A 87 -25.20 6.96 -18.56
C THR A 87 -26.30 6.00 -19.04
N GLY A 88 -27.55 6.27 -18.63
CA GLY A 88 -28.72 5.53 -19.11
C GLY A 88 -28.93 5.55 -20.64
N SER A 89 -28.58 6.68 -21.27
CA SER A 89 -28.73 6.95 -22.72
C SER A 89 -27.47 6.69 -23.57
N SER A 90 -26.36 6.28 -22.95
CA SER A 90 -25.17 5.82 -23.66
C SER A 90 -25.53 4.60 -24.51
N LYS A 91 -25.13 4.60 -25.79
CA LYS A 91 -25.41 3.48 -26.73
C LYS A 91 -24.18 3.27 -27.62
N TYR A 92 -23.58 2.11 -27.48
CA TYR A 92 -22.37 1.76 -28.21
C TYR A 92 -22.66 1.93 -29.71
N PRO A 93 -21.71 2.43 -30.53
CA PRO A 93 -20.30 2.73 -30.17
C PRO A 93 -20.05 4.13 -29.57
N ASN A 94 -21.10 4.91 -29.39
CA ASN A 94 -21.01 6.23 -28.82
C ASN A 94 -21.21 6.12 -27.33
N CYS A 95 -20.16 5.65 -26.66
CA CYS A 95 -20.24 5.39 -25.24
C CYS A 95 -20.15 6.70 -24.44
N ALA A 96 -21.08 6.87 -23.50
CA ALA A 96 -21.21 8.08 -22.72
C ALA A 96 -21.17 7.80 -21.22
N TYR A 97 -20.47 8.68 -20.52
CA TYR A 97 -20.08 8.45 -19.10
C TYR A 97 -20.27 9.73 -18.27
N LYS A 98 -20.69 9.58 -17.01
N LYS A 98 -20.64 9.55 -17.01
CA LYS A 98 -20.58 10.65 -16.01
CA LYS A 98 -20.58 10.58 -15.99
C LYS A 98 -19.24 10.50 -15.27
C LYS A 98 -19.23 10.49 -15.27
N THR A 99 -18.53 11.62 -15.20
CA THR A 99 -17.21 11.73 -14.61
C THR A 99 -17.32 12.27 -13.18
N THR A 100 -16.99 11.41 -12.20
CA THR A 100 -17.03 11.77 -10.78
C THR A 100 -15.66 11.64 -10.08
N GLN A 101 -15.23 12.73 -9.48
CA GLN A 101 -13.99 12.78 -8.75
C GLN A 101 -14.24 12.42 -7.27
N ALA A 102 -13.25 11.82 -6.65
CA ALA A 102 -13.35 11.49 -5.25
C ALA A 102 -11.96 11.33 -4.71
N ASN A 103 -11.87 11.27 -3.38
CA ASN A 103 -10.65 10.84 -2.68
C ASN A 103 -10.99 9.73 -1.74
N LYS A 104 -10.46 8.56 -2.03
CA LYS A 104 -10.89 7.34 -1.35
C LYS A 104 -9.73 6.40 -1.22
N HIS A 105 -9.86 5.43 -0.32
CA HIS A 105 -8.88 4.34 -0.28
C HIS A 105 -9.15 3.45 -1.46
N ILE A 106 -8.08 3.03 -2.14
CA ILE A 106 -8.32 2.06 -3.23
C ILE A 106 -7.99 0.64 -2.77
N ILE A 107 -8.60 -0.35 -3.41
CA ILE A 107 -8.32 -1.77 -3.23
C ILE A 107 -8.00 -2.39 -4.59
N VAL A 108 -6.78 -2.93 -4.68
CA VAL A 108 -6.22 -3.59 -5.88
C VAL A 108 -5.85 -5.04 -5.61
N ALA A 109 -6.00 -5.89 -6.63
CA ALA A 109 -5.49 -7.26 -6.56
C ALA A 109 -4.05 -7.21 -7.05
N CYS A 110 -3.15 -7.93 -6.40
CA CYS A 110 -1.76 -7.96 -6.91
C CYS A 110 -1.32 -9.36 -7.18
N GLU A 111 -0.39 -9.50 -8.11
CA GLU A 111 0.10 -10.82 -8.55
CA GLU A 111 0.21 -10.80 -8.35
C GLU A 111 1.50 -10.62 -9.11
N GLY A 112 2.24 -11.70 -9.21
CA GLY A 112 3.52 -11.71 -9.97
C GLY A 112 4.81 -11.51 -9.19
N ASN A 113 5.91 -11.59 -9.94
CA ASN A 113 7.22 -11.10 -9.46
C ASN A 113 7.86 -10.20 -10.54
N PRO A 114 7.86 -8.89 -10.35
CA PRO A 114 7.50 -8.25 -9.10
C PRO A 114 5.99 -8.26 -8.81
N TYR A 115 5.67 -8.12 -7.55
CA TYR A 115 4.25 -8.22 -7.06
C TYR A 115 3.60 -6.87 -7.28
N VAL A 116 2.75 -6.76 -8.30
CA VAL A 116 2.29 -5.47 -8.80
C VAL A 116 0.77 -5.55 -9.02
N PRO A 117 0.09 -4.37 -9.05
CA PRO A 117 -1.32 -4.35 -9.27
C PRO A 117 -1.71 -4.91 -10.64
N VAL A 118 -2.68 -5.82 -10.64
CA VAL A 118 -3.23 -6.36 -11.89
C VAL A 118 -4.74 -6.17 -12.04
N HIS A 119 -5.44 -5.76 -10.98
CA HIS A 119 -6.87 -5.51 -11.08
CA HIS A 119 -6.85 -5.51 -11.10
C HIS A 119 -7.26 -4.46 -10.07
N PHE A 120 -8.27 -3.65 -10.42
CA PHE A 120 -8.85 -2.66 -9.52
C PHE A 120 -10.12 -3.29 -8.89
N ASP A 121 -10.16 -3.48 -7.58
CA ASP A 121 -11.27 -4.21 -6.98
C ASP A 121 -12.39 -3.30 -6.50
N ALA A 122 -12.00 -2.18 -5.87
CA ALA A 122 -12.93 -1.27 -5.19
C ALA A 122 -12.27 0.00 -4.69
N SER A 123 -13.13 0.94 -4.35
CA SER A 123 -12.72 2.13 -3.61
C SER A 123 -13.64 2.25 -2.40
N VAL A 124 -13.09 2.66 -1.27
CA VAL A 124 -13.83 2.75 -0.03
C VAL A 124 -13.49 4.02 0.71
N LYS B 1 -11.88 -0.10 15.69
CA LYS B 1 -10.53 0.27 16.16
C LYS B 1 -9.46 -0.64 15.49
N GLU B 2 -8.49 -0.07 14.76
CA GLU B 2 -7.34 -0.85 14.23
C GLU B 2 -6.72 -1.85 15.22
N THR B 3 -6.58 -3.10 14.87
CA THR B 3 -6.02 -4.05 15.80
C THR B 3 -4.52 -3.83 15.99
N ALA B 4 -3.97 -4.39 17.07
CA ALA B 4 -2.53 -4.26 17.33
C ALA B 4 -1.71 -4.97 16.24
N ALA B 5 -2.17 -6.15 15.80
CA ALA B 5 -1.54 -6.87 14.64
C ALA B 5 -1.53 -6.02 13.32
N ALA B 6 -2.66 -5.42 13.03
CA ALA B 6 -2.81 -4.56 11.86
C ALA B 6 -1.96 -3.31 11.93
N LYS B 7 -1.89 -2.69 13.11
CA LYS B 7 -1.03 -1.53 13.30
C LYS B 7 0.44 -1.92 13.13
N PHE B 8 0.83 -3.08 13.64
CA PHE B 8 2.20 -3.53 13.39
C PHE B 8 2.47 -3.63 11.87
N GLU B 9 1.54 -4.26 11.10
CA GLU B 9 1.79 -4.36 9.67
C GLU B 9 1.87 -3.00 8.99
N ARG B 10 1.01 -2.08 9.38
CA ARG B 10 1.03 -0.75 8.82
C ARG B 10 2.33 0.04 9.11
N GLN B 11 2.77 0.02 10.35
CA GLN B 11 3.96 0.71 10.77
C GLN B 11 5.22 0.03 10.41
N HIS B 12 5.25 -1.32 10.38
CA HIS B 12 6.52 -2.03 10.25
C HIS B 12 6.71 -2.95 9.09
N MET B 13 5.68 -3.25 8.29
CA MET B 13 5.85 -4.25 7.20
C MET B 13 5.88 -3.57 5.82
N ASP B 14 6.96 -3.79 5.11
CA ASP B 14 7.01 -3.47 3.71
C ASP B 14 7.78 -4.59 3.00
N SER B 15 7.06 -5.68 2.73
CA SER B 15 7.64 -6.88 2.11
C SER B 15 8.06 -6.78 0.60
N SER B 16 7.97 -5.62 -0.03
CA SER B 16 8.21 -5.50 -1.50
C SER B 16 9.67 -5.60 -1.90
N THR B 17 10.39 -4.47 -1.94
CA THR B 17 11.83 -4.47 -2.18
C THR B 17 12.42 -5.06 -0.92
N SER B 18 13.49 -5.87 -1.07
CA SER B 18 14.29 -6.40 0.07
C SER B 18 15.47 -5.45 0.35
N ALA B 19 15.11 -4.19 0.58
CA ALA B 19 15.98 -2.99 0.52
C ALA B 19 15.05 -1.79 0.22
N ALA B 20 15.63 -0.61 0.06
CA ALA B 20 14.89 0.56 -0.44
C ALA B 20 15.87 1.60 -0.96
N SER B 21 16.26 1.42 -2.21
CA SER B 21 17.33 2.18 -2.86
C SER B 21 17.22 3.70 -2.70
N SER B 22 16.01 4.23 -2.86
CA SER B 22 15.81 5.66 -2.86
C SER B 22 16.16 6.24 -1.47
N SER B 23 17.00 7.27 -1.48
CA SER B 23 17.25 8.07 -0.28
C SER B 23 15.98 8.80 0.24
N ASN B 24 14.97 8.92 -0.62
CA ASN B 24 13.67 9.46 -0.28
C ASN B 24 12.64 8.44 0.30
N TYR B 25 12.99 7.15 0.31
CA TYR B 25 12.14 6.07 0.82
C TYR B 25 11.38 6.39 2.13
N CYS B 26 12.09 6.77 3.18
CA CYS B 26 11.43 7.14 4.48
C CYS B 26 10.49 8.33 4.42
N ASN B 27 10.87 9.39 3.70
CA ASN B 27 9.97 10.53 3.59
C ASN B 27 8.59 10.14 3.04
N GLN B 28 8.65 9.29 2.03
CA GLN B 28 7.52 8.82 1.29
C GLN B 28 6.70 7.85 2.20
N MET B 29 7.37 6.80 2.65
CA MET B 29 6.77 5.77 3.55
C MET B 29 6.13 6.28 4.82
N MET B 30 6.81 7.18 5.52
CA MET B 30 6.29 7.72 6.79
C MET B 30 5.01 8.53 6.54
N LYS B 31 4.99 9.23 5.41
CA LYS B 31 3.75 9.85 4.93
C LYS B 31 2.63 8.85 4.63
N SER B 32 2.91 7.88 3.78
CA SER B 32 1.90 6.98 3.24
CA SER B 32 1.82 7.07 3.27
C SER B 32 1.32 6.01 4.27
N ARG B 33 2.15 5.62 5.23
CA ARG B 33 1.73 4.76 6.34
C ARG B 33 1.06 5.54 7.46
N ASN B 34 0.81 6.83 7.23
CA ASN B 34 0.09 7.72 8.10
C ASN B 34 0.88 7.96 9.36
N LEU B 35 2.18 8.03 9.23
CA LEU B 35 3.01 8.24 10.42
C LEU B 35 3.44 9.70 10.57
N THR B 36 2.93 10.58 9.72
CA THR B 36 3.19 12.04 9.85
C THR B 36 1.89 12.94 10.00
N LYS B 37 0.77 12.37 10.43
CA LYS B 37 -0.54 13.05 10.37
C LYS B 37 -0.63 14.29 11.26
N ASP B 38 -0.38 14.11 12.54
CA ASP B 38 -0.47 15.18 13.54
C ASP B 38 0.91 15.66 14.03
N ARG B 39 1.86 14.73 14.04
CA ARG B 39 3.25 15.02 14.30
C ARG B 39 4.14 14.11 13.44
N CYS B 40 5.41 14.43 13.44
CA CYS B 40 6.44 13.59 12.80
C CYS B 40 6.79 12.48 13.76
N LYS B 41 6.45 11.25 13.37
CA LYS B 41 6.88 10.12 14.21
C LYS B 41 8.42 10.06 14.05
N PRO B 42 9.17 10.14 15.19
CA PRO B 42 10.62 10.40 15.06
C PRO B 42 11.43 9.26 14.52
N VAL B 43 11.12 8.03 14.98
CA VAL B 43 11.88 6.87 14.55
C VAL B 43 10.92 5.70 14.26
N ASN B 44 11.24 4.99 13.18
CA ASN B 44 10.43 3.86 12.76
C ASN B 44 11.26 2.95 11.89
N THR B 45 11.12 1.67 12.10
CA THR B 45 11.78 0.66 11.32
C THR B 45 10.78 -0.12 10.41
N PHE B 46 11.18 -0.37 9.15
CA PHE B 46 10.38 -1.22 8.22
C PHE B 46 11.14 -2.50 7.92
N VAL B 47 10.43 -3.63 7.83
CA VAL B 47 11.04 -4.92 7.66
C VAL B 47 10.67 -5.39 6.25
N HIS B 48 11.67 -5.86 5.49
CA HIS B 48 11.43 -6.26 4.11
C HIS B 48 11.14 -7.73 3.83
N GLU B 49 11.12 -8.54 4.87
CA GLU B 49 10.95 -9.95 4.70
C GLU B 49 9.47 -10.21 4.54
N SER B 50 9.17 -11.43 4.13
CA SER B 50 7.79 -11.90 3.95
C SER B 50 7.05 -11.85 5.28
N LEU B 51 5.73 -11.64 5.19
CA LEU B 51 4.91 -11.64 6.38
C LEU B 51 5.07 -12.96 7.08
N ALA B 52 5.03 -14.09 6.35
CA ALA B 52 5.27 -15.46 6.98
C ALA B 52 6.57 -15.53 7.80
N ASP B 53 7.64 -14.96 7.23
CA ASP B 53 8.89 -14.96 7.89
C ASP B 53 8.92 -14.15 9.20
N VAL B 54 8.28 -12.99 9.18
CA VAL B 54 8.23 -12.10 10.35
C VAL B 54 7.29 -12.74 11.43
N GLN B 55 6.14 -13.30 11.00
CA GLN B 55 5.25 -14.04 11.90
C GLN B 55 5.88 -15.23 12.60
N ALA B 56 6.68 -15.95 11.84
CA ALA B 56 7.47 -17.05 12.33
C ALA B 56 8.40 -16.69 13.51
N VAL B 57 8.81 -15.41 13.64
CA VAL B 57 9.62 -14.90 14.78
C VAL B 57 8.94 -15.15 16.13
N CYS B 58 7.60 -15.24 16.16
CA CYS B 58 6.93 -15.57 17.42
C CYS B 58 7.13 -17.01 17.95
N SER B 59 7.79 -17.86 17.15
CA SER B 59 8.18 -19.21 17.55
C SER B 59 9.71 -19.39 17.65
N GLN B 60 10.44 -18.30 17.76
CA GLN B 60 11.86 -18.27 17.78
C GLN B 60 12.38 -17.92 19.20
N LYS B 61 13.37 -17.04 19.36
CA LYS B 61 14.09 -16.91 20.65
CA LYS B 61 14.08 -16.92 20.64
C LYS B 61 13.33 -15.99 21.60
N ASN B 62 12.86 -16.56 22.69
CA ASN B 62 12.07 -15.78 23.63
C ASN B 62 13.01 -14.89 24.44
N VAL B 63 12.65 -13.62 24.60
CA VAL B 63 13.47 -12.63 25.34
C VAL B 63 12.52 -11.65 26.07
N ALA B 64 13.01 -10.95 27.09
CA ALA B 64 12.19 -9.92 27.70
C ALA B 64 12.03 -8.73 26.73
N CYS B 65 10.92 -8.02 26.90
CA CYS B 65 10.68 -6.78 26.19
C CYS B 65 11.23 -5.62 26.98
N LYS B 66 11.39 -4.48 26.32
N LYS B 66 11.36 -4.48 26.34
CA LYS B 66 11.86 -3.25 26.95
CA LYS B 66 11.90 -3.28 26.98
C LYS B 66 11.00 -2.92 28.14
C LYS B 66 11.00 -2.81 28.12
N ASN B 67 9.69 -2.99 27.97
CA ASN B 67 8.74 -2.72 29.03
C ASN B 67 8.72 -3.75 30.19
N GLY B 68 9.51 -4.81 30.15
CA GLY B 68 9.55 -5.84 31.18
C GLY B 68 8.59 -7.00 31.13
N GLN B 69 7.65 -6.96 30.20
CA GLN B 69 6.90 -8.15 29.78
C GLN B 69 7.86 -9.16 29.12
N THR B 70 7.46 -10.40 29.10
CA THR B 70 8.33 -11.45 28.58
C THR B 70 7.75 -12.16 27.34
N ASN B 71 6.88 -11.48 26.61
CA ASN B 71 6.33 -12.05 25.37
C ASN B 71 7.05 -11.56 24.14
N CYS B 72 8.38 -11.30 24.24
CA CYS B 72 9.14 -10.80 23.09
C CYS B 72 9.94 -11.94 22.51
N TYR B 73 10.28 -11.77 21.24
CA TYR B 73 10.88 -12.84 20.40
C TYR B 73 11.88 -12.18 19.46
N GLN B 74 13.09 -12.75 19.49
CA GLN B 74 14.16 -12.33 18.62
CA GLN B 74 14.17 -12.33 18.65
C GLN B 74 14.30 -13.31 17.45
N SER B 75 14.43 -12.75 16.27
CA SER B 75 14.64 -13.55 15.03
C SER B 75 15.98 -14.26 15.07
N TYR B 76 15.96 -15.56 14.80
CA TYR B 76 17.20 -16.30 14.75
C TYR B 76 18.11 -15.78 13.61
N SER B 77 17.52 -15.40 12.50
CA SER B 77 18.25 -14.88 11.36
C SER B 77 18.22 -13.36 11.36
N THR B 78 19.24 -12.79 10.72
CA THR B 78 19.12 -11.41 10.29
C THR B 78 18.10 -11.23 9.17
N MET B 79 17.49 -10.04 9.15
CA MET B 79 16.48 -9.66 8.18
C MET B 79 16.82 -8.30 7.56
N SER B 80 16.39 -8.09 6.31
CA SER B 80 16.54 -6.81 5.60
C SER B 80 15.52 -5.81 6.21
N ILE B 81 16.07 -4.74 6.80
CA ILE B 81 15.29 -3.63 7.38
C ILE B 81 15.71 -2.25 6.87
N THR B 82 14.84 -1.26 7.09
CA THR B 82 15.13 0.15 6.83
C THR B 82 14.82 0.86 8.12
N ASP B 83 15.81 1.56 8.65
CA ASP B 83 15.64 2.46 9.81
C ASP B 83 15.31 3.86 9.27
N CYS B 84 14.21 4.46 9.72
CA CYS B 84 13.85 5.85 9.39
C CYS B 84 14.01 6.64 10.66
N ARG B 85 14.79 7.72 10.61
CA ARG B 85 14.95 8.59 11.72
C ARG B 85 14.87 10.01 11.21
N GLU B 86 14.02 10.76 11.86
CA GLU B 86 13.80 12.15 11.57
C GLU B 86 15.14 12.94 11.65
N THR B 87 15.35 13.87 10.73
CA THR B 87 16.50 14.72 10.75
C THR B 87 16.38 15.72 11.90
N GLY B 88 17.50 16.32 12.19
CA GLY B 88 17.59 17.33 13.22
C GLY B 88 16.91 18.63 12.87
N SER B 89 16.84 18.95 11.58
CA SER B 89 16.12 20.15 11.12
C SER B 89 14.69 19.92 10.69
N SER B 90 14.15 18.70 10.87
CA SER B 90 12.77 18.34 10.50
C SER B 90 11.74 19.06 11.32
N LYS B 91 10.74 19.65 10.62
CA LYS B 91 9.61 20.36 11.29
C LYS B 91 8.26 19.98 10.69
N TYR B 92 7.37 19.41 11.52
CA TYR B 92 5.95 19.23 11.14
C TYR B 92 5.39 20.55 10.56
N PRO B 93 4.70 20.56 9.40
CA PRO B 93 4.23 19.38 8.66
C PRO B 93 5.16 18.82 7.60
N ASN B 94 6.35 19.38 7.47
CA ASN B 94 7.28 18.98 6.43
C ASN B 94 8.28 17.94 6.94
N CYS B 95 7.73 16.77 7.34
CA CYS B 95 8.49 15.78 8.11
C CYS B 95 9.62 15.20 7.24
N ALA B 96 10.84 15.27 7.74
CA ALA B 96 12.02 14.86 6.99
C ALA B 96 12.81 13.78 7.76
N TYR B 97 13.23 12.72 7.03
CA TYR B 97 13.86 11.51 7.55
C TYR B 97 15.14 11.17 6.84
N LYS B 98 16.05 10.52 7.55
CA LYS B 98 17.19 9.91 6.95
C LYS B 98 16.86 8.39 6.86
N THR B 99 17.12 7.84 5.67
CA THR B 99 16.90 6.46 5.32
C THR B 99 18.18 5.68 5.47
N THR B 100 18.19 4.69 6.38
CA THR B 100 19.33 3.79 6.45
C THR B 100 18.92 2.30 6.25
N GLN B 101 19.55 1.64 5.27
CA GLN B 101 19.43 0.19 5.13
C GLN B 101 20.27 -0.60 6.14
N ALA B 102 19.68 -1.67 6.64
CA ALA B 102 20.40 -2.54 7.54
C ALA B 102 19.94 -4.01 7.42
N ASN B 103 20.80 -4.90 7.92
CA ASN B 103 20.53 -6.31 8.00
C ASN B 103 20.80 -6.77 9.43
N LYS B 104 19.71 -6.99 10.20
CA LYS B 104 19.79 -7.17 11.63
C LYS B 104 18.73 -8.15 12.09
N HIS B 105 18.89 -8.68 13.28
CA HIS B 105 17.82 -9.45 13.95
C HIS B 105 16.78 -8.44 14.45
N ILE B 106 15.51 -8.81 14.37
CA ILE B 106 14.40 -8.01 14.92
C ILE B 106 13.89 -8.66 16.23
N ILE B 107 13.39 -7.82 17.16
CA ILE B 107 12.75 -8.27 18.37
C ILE B 107 11.33 -7.68 18.35
N VAL B 108 10.35 -8.55 18.49
CA VAL B 108 8.95 -8.13 18.39
C VAL B 108 8.21 -8.74 19.59
N ALA B 109 7.15 -8.08 20.04
CA ALA B 109 6.22 -8.66 21.04
C ALA B 109 5.16 -9.39 20.25
N CYS B 110 4.77 -10.57 20.72
CA CYS B 110 3.74 -11.38 20.08
C CYS B 110 2.58 -11.60 21.03
N GLU B 111 1.39 -11.61 20.43
CA GLU B 111 0.12 -11.71 21.19
CA GLU B 111 0.14 -11.76 21.19
C GLU B 111 -1.01 -12.15 20.30
N GLY B 112 -2.03 -12.78 20.93
CA GLY B 112 -3.36 -12.88 20.30
C GLY B 112 -3.50 -14.22 19.61
N ASN B 113 -4.60 -14.37 18.90
CA ASN B 113 -5.00 -15.61 18.27
C ASN B 113 -5.43 -15.20 16.89
N PRO B 114 -4.62 -15.42 15.84
CA PRO B 114 -3.38 -16.14 15.90
C PRO B 114 -2.25 -15.31 16.55
N TYR B 115 -1.21 -16.03 16.96
CA TYR B 115 -0.17 -15.46 17.79
C TYR B 115 0.88 -14.83 16.93
N VAL B 116 0.83 -13.49 16.83
CA VAL B 116 1.56 -12.74 15.82
C VAL B 116 2.21 -11.47 16.42
N PRO B 117 3.11 -10.85 15.67
CA PRO B 117 3.72 -9.60 16.16
C PRO B 117 2.72 -8.46 16.36
N VAL B 118 2.82 -7.81 17.53
CA VAL B 118 1.99 -6.70 17.87
C VAL B 118 2.77 -5.42 18.22
N HIS B 119 4.09 -5.51 18.23
CA HIS B 119 4.98 -4.43 18.65
C HIS B 119 6.39 -4.71 18.18
N PHE B 120 7.01 -3.70 17.58
CA PHE B 120 8.42 -3.70 17.25
C PHE B 120 9.24 -3.14 18.40
N ASP B 121 10.09 -3.99 18.99
CA ASP B 121 10.81 -3.64 20.20
C ASP B 121 12.19 -3.07 19.87
N ALA B 122 12.94 -3.70 18.97
CA ALA B 122 14.31 -3.24 18.60
C ALA B 122 14.80 -4.05 17.47
N SER B 123 15.82 -3.53 16.78
CA SER B 123 16.70 -4.37 15.99
C SER B 123 18.05 -4.54 16.71
N VAL B 124 18.66 -5.73 16.58
CA VAL B 124 20.04 -5.99 17.03
C VAL B 124 20.94 -6.71 16.02
#